data_3THI
#
_entry.id   3THI
#
_cell.length_a   85.500
_cell.length_b   117.500
_cell.length_c   36.600
_cell.angle_alpha   90.00
_cell.angle_beta   90.00
_cell.angle_gamma   90.00
#
_symmetry.space_group_name_H-M   'P 21 21 2'
#
loop_
_entity.id
_entity.type
_entity.pdbx_description
1 polymer 'PROTEIN (THIAMINASE I)'
2 non-polymer 'SULFATE ION'
3 water water
#
_entity_poly.entity_id   1
_entity_poly.type   'polypeptide(L)'
_entity_poly.pdbx_seq_one_letter_code
;ITLKVAIYPYVPDPARFQAAVLDQWQRQEPGVKLEFTDWDSYSADPPDDLDVFVLDSIFLSHFVDAGYLLPFGSQDIDQA
EDVLPFALQGAKRNGEVYGLPQILCTNLLFYRKGDLKIGQVDNIYELYKKIGTSHSEQIPPPQNKGLLINMAGGTTKASM
YLEALIDVTGQYTEYDLLPPLDPLNDKVIRGLRLLINMAGEKPSQYVPEDGDAYVRASWFAQGSGRAFIGYSESMMRMGD
YAEQVRFKPISSSAGQDIPLFYSDVVSVNSKTAHPELAKKLANVMASADTVEQALRPQADGQYPQYLLPARHQVYEALMQ
DYPIYSELAQIVNKPSNRVFRLGPEVRTWLKDAKQVLPEALGLTDVSSLAS
;
_entity_poly.pdbx_strand_id   A
#
loop_
_chem_comp.id
_chem_comp.type
_chem_comp.name
_chem_comp.formula
SO4 non-polymer 'SULFATE ION' 'O4 S -2'
#
# COMPACT_ATOMS: atom_id res chain seq x y z
N ILE A 1 -10.18 28.99 13.13
CA ILE A 1 -9.05 28.14 12.87
C ILE A 1 -9.27 27.29 11.62
N THR A 2 -8.26 27.29 10.75
CA THR A 2 -8.30 26.51 9.52
C THR A 2 -7.10 25.57 9.55
N LEU A 3 -7.35 24.29 9.32
CA LEU A 3 -6.28 23.31 9.28
C LEU A 3 -6.04 22.83 7.86
N LYS A 4 -4.78 22.81 7.43
CA LYS A 4 -4.41 22.33 6.10
C LYS A 4 -4.13 20.84 6.25
N VAL A 5 -4.89 20.04 5.51
CA VAL A 5 -4.81 18.60 5.58
C VAL A 5 -4.58 17.99 4.23
N ALA A 6 -3.83 16.89 4.21
CA ALA A 6 -3.58 16.17 2.97
C ALA A 6 -3.85 14.68 3.18
N ILE A 7 -4.81 14.14 2.44
CA ILE A 7 -5.15 12.73 2.51
C ILE A 7 -4.17 11.95 1.59
N TYR A 8 -4.11 10.64 1.75
CA TYR A 8 -3.21 9.83 0.90
C TYR A 8 -3.75 9.82 -0.53
N PRO A 9 -2.98 10.38 -1.48
CA PRO A 9 -3.37 10.45 -2.89
C PRO A 9 -3.43 9.15 -3.67
N TYR A 10 -2.69 8.14 -3.23
CA TYR A 10 -2.67 6.86 -3.95
C TYR A 10 -3.74 5.86 -3.53
N VAL A 11 -4.99 6.22 -3.77
CA VAL A 11 -6.15 5.39 -3.47
C VAL A 11 -7.06 5.47 -4.70
N PRO A 12 -7.93 4.46 -4.90
CA PRO A 12 -8.84 4.45 -6.06
C PRO A 12 -9.70 5.70 -6.15
N ASP A 13 -10.13 6.20 -5.00
CA ASP A 13 -10.97 7.39 -4.96
C ASP A 13 -10.60 8.28 -3.80
N PRO A 14 -9.72 9.27 -4.04
CA PRO A 14 -9.26 10.22 -3.03
C PRO A 14 -10.41 11.10 -2.48
N ALA A 15 -11.34 11.46 -3.37
CA ALA A 15 -12.49 12.29 -3.01
C ALA A 15 -13.33 11.66 -1.91
N ARG A 16 -13.47 10.33 -1.95
CA ARG A 16 -14.24 9.64 -0.93
C ARG A 16 -13.60 9.82 0.42
N PHE A 17 -12.27 9.87 0.45
CA PHE A 17 -11.54 10.10 1.69
C PHE A 17 -11.72 11.55 2.16
N GLN A 18 -11.56 12.49 1.25
CA GLN A 18 -11.74 13.91 1.58
C GLN A 18 -13.14 14.12 2.15
N ALA A 19 -14.16 13.60 1.44
CA ALA A 19 -15.53 13.76 1.89
C ALA A 19 -15.74 13.07 3.24
N ALA A 20 -15.19 11.87 3.38
CA ALA A 20 -15.31 11.12 4.63
C ALA A 20 -14.71 11.92 5.78
N VAL A 21 -13.51 12.43 5.57
CA VAL A 21 -12.81 13.23 6.57
C VAL A 21 -13.57 14.51 6.97
N LEU A 22 -14.06 15.24 5.97
CA LEU A 22 -14.79 16.48 6.22
C LEU A 22 -16.04 16.22 7.02
N ASP A 23 -16.81 15.22 6.61
CA ASP A 23 -18.04 14.85 7.30
C ASP A 23 -17.77 14.46 8.75
N GLN A 24 -16.83 13.54 8.95
CA GLN A 24 -16.49 13.10 10.31
C GLN A 24 -15.88 14.22 11.17
N TRP A 25 -15.09 15.10 10.56
CA TRP A 25 -14.49 16.22 11.28
C TRP A 25 -15.57 17.20 11.75
N GLN A 26 -16.47 17.57 10.83
CA GLN A 26 -17.58 18.48 11.12
C GLN A 26 -18.50 18.02 12.25
N ARG A 27 -18.60 16.71 12.43
CA ARG A 27 -19.48 16.16 13.46
C ARG A 27 -19.05 16.51 14.89
N GLN A 28 -17.74 16.68 15.09
CA GLN A 28 -17.19 17.01 16.40
C GLN A 28 -16.53 18.38 16.46
N GLU A 29 -16.15 18.91 15.31
CA GLU A 29 -15.48 20.21 15.19
C GLU A 29 -15.99 21.01 13.98
N PRO A 30 -17.30 21.37 13.97
CA PRO A 30 -17.89 22.13 12.86
C PRO A 30 -17.32 23.54 12.63
N GLY A 31 -16.74 24.12 13.66
CA GLY A 31 -16.20 25.45 13.56
C GLY A 31 -14.75 25.55 13.10
N VAL A 32 -14.12 24.40 12.88
CA VAL A 32 -12.74 24.36 12.43
C VAL A 32 -12.72 23.93 10.97
N LYS A 33 -12.32 24.85 10.12
CA LYS A 33 -12.26 24.61 8.68
C LYS A 33 -11.08 23.74 8.27
N LEU A 34 -11.31 22.93 7.24
CA LEU A 34 -10.28 22.05 6.69
C LEU A 34 -9.94 22.53 5.29
N GLU A 35 -8.65 22.65 4.98
CA GLU A 35 -8.22 23.05 3.65
C GLU A 35 -7.41 21.91 3.07
N PHE A 36 -8.09 21.05 2.30
CA PHE A 36 -7.44 19.90 1.70
C PHE A 36 -6.44 20.32 0.66
N THR A 37 -5.22 19.82 0.83
CA THR A 37 -4.11 20.11 -0.05
C THR A 37 -3.63 18.84 -0.72
N ASP A 38 -2.94 19.00 -1.84
CA ASP A 38 -2.40 17.86 -2.56
C ASP A 38 -0.95 17.73 -2.08
N TRP A 39 -0.66 16.66 -1.38
CA TRP A 39 0.69 16.45 -0.91
C TRP A 39 1.04 14.98 -1.03
N ASP A 40 2.21 14.71 -1.61
CA ASP A 40 2.68 13.35 -1.82
C ASP A 40 4.03 13.11 -1.11
N SER A 41 4.03 12.19 -0.15
CA SER A 41 5.25 11.88 0.60
C SER A 41 6.34 11.29 -0.29
N TYR A 42 5.93 10.69 -1.41
CA TYR A 42 6.86 10.10 -2.36
C TYR A 42 7.70 11.09 -3.14
N SER A 43 7.24 12.33 -3.21
CA SER A 43 7.98 13.35 -3.96
C SER A 43 8.05 14.69 -3.22
N ALA A 44 7.72 14.69 -1.93
CA ALA A 44 7.77 15.93 -1.15
C ALA A 44 7.83 15.75 0.35
N ASP A 45 8.52 16.67 1.01
CA ASP A 45 8.60 16.65 2.46
C ASP A 45 7.42 17.50 2.95
N PRO A 46 7.04 17.35 4.22
CA PRO A 46 5.91 18.11 4.76
C PRO A 46 6.12 19.62 4.76
N PRO A 47 5.21 20.37 4.08
CA PRO A 47 5.33 21.83 4.05
C PRO A 47 5.06 22.35 5.47
N ASP A 48 5.74 23.42 5.86
CA ASP A 48 5.56 23.99 7.19
C ASP A 48 4.10 24.29 7.56
N ASP A 49 3.30 24.64 6.56
CA ASP A 49 1.89 24.96 6.80
C ASP A 49 0.89 23.81 6.59
N LEU A 50 1.39 22.61 6.36
CA LEU A 50 0.54 21.44 6.20
C LEU A 50 0.47 20.83 7.60
N ASP A 51 -0.67 21.00 8.24
CA ASP A 51 -0.88 20.53 9.61
C ASP A 51 -1.01 19.03 9.83
N VAL A 52 -1.82 18.38 9.02
CA VAL A 52 -2.05 16.93 9.13
C VAL A 52 -1.94 16.36 7.72
N PHE A 53 -1.32 15.19 7.60
CA PHE A 53 -1.13 14.58 6.31
C PHE A 53 -0.91 13.08 6.47
N VAL A 54 -1.20 12.36 5.39
CA VAL A 54 -1.04 10.92 5.37
C VAL A 54 0.16 10.63 4.47
N LEU A 55 1.09 9.82 4.99
CA LEU A 55 2.31 9.49 4.26
C LEU A 55 2.51 7.99 4.23
N ASP A 56 3.29 7.52 3.25
CA ASP A 56 3.64 6.11 3.15
C ASP A 56 4.75 5.91 4.18
N SER A 57 4.62 4.90 5.04
CA SER A 57 5.61 4.65 6.09
C SER A 57 7.06 4.37 5.69
N ILE A 58 7.33 4.19 4.39
CA ILE A 58 8.72 3.97 4.00
C ILE A 58 9.47 5.28 4.29
N PHE A 59 8.71 6.38 4.24
CA PHE A 59 9.26 7.72 4.48
C PHE A 59 9.19 8.16 5.92
N LEU A 60 8.57 7.35 6.77
CA LEU A 60 8.43 7.68 8.21
C LEU A 60 9.72 8.02 8.94
N SER A 61 10.71 7.13 8.83
CA SER A 61 12.01 7.32 9.50
C SER A 61 12.68 8.64 9.12
N HIS A 62 12.63 8.98 7.83
CA HIS A 62 13.19 10.23 7.34
C HIS A 62 12.45 11.43 7.96
N PHE A 63 11.12 11.44 7.85
CA PHE A 63 10.33 12.54 8.41
C PHE A 63 10.55 12.73 9.90
N VAL A 64 10.64 11.61 10.63
CA VAL A 64 10.86 11.67 12.06
C VAL A 64 12.22 12.23 12.42
N ASP A 65 13.28 11.63 11.86
CA ASP A 65 14.64 12.06 12.15
C ASP A 65 14.91 13.49 11.71
N ALA A 66 14.15 13.98 10.72
CA ALA A 66 14.32 15.35 10.25
C ALA A 66 13.57 16.37 11.12
N GLY A 67 12.81 15.87 12.09
CA GLY A 67 12.07 16.75 12.99
C GLY A 67 10.80 17.37 12.42
N TYR A 68 10.22 16.70 11.42
CA TYR A 68 9.01 17.15 10.74
C TYR A 68 7.70 16.80 11.46
N LEU A 69 7.72 15.68 12.18
CA LEU A 69 6.54 15.17 12.83
C LEU A 69 6.39 15.40 14.33
N LEU A 70 5.13 15.43 14.75
CA LEU A 70 4.77 15.61 16.14
C LEU A 70 4.32 14.24 16.65
N PRO A 71 5.01 13.71 17.68
CA PRO A 71 4.65 12.38 18.21
C PRO A 71 3.30 12.33 18.91
N PHE A 72 2.70 11.15 18.87
CA PHE A 72 1.42 10.90 19.54
C PHE A 72 1.68 10.13 20.84
N GLY A 73 1.35 10.76 21.97
CA GLY A 73 1.50 10.07 23.25
C GLY A 73 0.32 9.12 23.29
N SER A 74 0.36 8.13 24.18
CA SER A 74 -0.73 7.15 24.28
C SER A 74 -2.06 7.87 24.57
N GLN A 75 -1.97 9.08 25.12
CA GLN A 75 -3.10 9.91 25.44
C GLN A 75 -3.75 10.43 24.15
N ASP A 76 -2.92 10.76 23.16
CA ASP A 76 -3.37 11.31 21.87
C ASP A 76 -3.79 10.27 20.83
N ILE A 77 -3.94 9.02 21.22
CA ILE A 77 -4.33 8.00 20.25
C ILE A 77 -5.67 7.45 20.65
N ASP A 78 -6.66 7.57 19.77
CA ASP A 78 -8.00 7.09 20.06
C ASP A 78 -8.16 5.63 19.69
N GLN A 79 -8.67 4.85 20.65
CA GLN A 79 -8.91 3.41 20.50
C GLN A 79 -7.75 2.63 19.88
N ALA A 80 -6.57 2.77 20.49
CA ALA A 80 -5.37 2.09 20.02
C ALA A 80 -5.56 0.58 20.03
N GLU A 81 -6.44 0.07 20.90
CA GLU A 81 -6.69 -1.37 20.99
C GLU A 81 -7.39 -2.01 19.78
N ASP A 82 -8.00 -1.19 18.93
CA ASP A 82 -8.70 -1.68 17.74
C ASP A 82 -7.78 -1.66 16.50
N VAL A 83 -6.65 -0.96 16.64
CA VAL A 83 -5.67 -0.86 15.57
C VAL A 83 -4.88 -2.17 15.51
N LEU A 84 -4.57 -2.63 14.30
CA LEU A 84 -3.79 -3.84 14.14
C LEU A 84 -2.43 -3.64 14.79
N PRO A 85 -2.06 -4.53 15.72
CA PRO A 85 -0.79 -4.49 16.46
C PRO A 85 0.43 -4.22 15.60
N PHE A 86 0.57 -4.95 14.49
CA PHE A 86 1.73 -4.75 13.64
C PHE A 86 1.73 -3.38 12.99
N ALA A 87 0.53 -2.83 12.77
CA ALA A 87 0.41 -1.52 12.17
C ALA A 87 0.83 -0.46 13.17
N LEU A 88 0.28 -0.55 14.37
CA LEU A 88 0.59 0.42 15.41
C LEU A 88 2.09 0.40 15.73
N GLN A 89 2.67 -0.80 15.73
CA GLN A 89 4.08 -0.98 16.02
C GLN A 89 4.94 -0.40 14.90
N GLY A 90 4.51 -0.58 13.65
CA GLY A 90 5.26 -0.06 12.53
C GLY A 90 5.26 1.46 12.44
N ALA A 91 4.45 2.10 13.28
CA ALA A 91 4.33 3.56 13.31
C ALA A 91 5.19 4.20 14.40
N LYS A 92 6.00 3.38 15.08
CA LYS A 92 6.86 3.87 16.16
C LYS A 92 8.33 4.08 15.79
N ARG A 93 8.90 5.14 16.33
CA ARG A 93 10.31 5.48 16.14
C ARG A 93 10.80 6.25 17.35
N ASN A 94 11.97 5.88 17.86
CA ASN A 94 12.56 6.55 19.03
C ASN A 94 11.64 6.36 20.25
N GLY A 95 10.98 5.21 20.32
CA GLY A 95 10.07 4.90 21.41
C GLY A 95 8.76 5.66 21.36
N GLU A 96 8.48 6.34 20.25
CA GLU A 96 7.25 7.11 20.11
C GLU A 96 6.41 6.76 18.87
N VAL A 97 5.09 6.87 19.01
CA VAL A 97 4.18 6.64 17.89
C VAL A 97 4.20 7.96 17.10
N TYR A 98 4.52 7.89 15.81
CA TYR A 98 4.60 9.10 15.01
C TYR A 98 3.53 9.22 13.91
N GLY A 99 2.62 8.26 13.87
CA GLY A 99 1.58 8.27 12.87
C GLY A 99 0.46 7.33 13.24
N LEU A 100 -0.75 7.65 12.78
CA LEU A 100 -1.90 6.82 13.04
C LEU A 100 -2.21 6.01 11.80
N PRO A 101 -1.99 4.69 11.87
CA PRO A 101 -2.23 3.78 10.75
C PRO A 101 -3.65 3.95 10.18
N GLN A 102 -3.74 4.28 8.90
CA GLN A 102 -5.02 4.50 8.24
C GLN A 102 -5.27 3.45 7.14
N ILE A 103 -4.26 3.21 6.32
CA ILE A 103 -4.38 2.24 5.23
C ILE A 103 -3.18 1.30 5.19
N LEU A 104 -3.45 0.03 4.95
CA LEU A 104 -2.41 -0.98 4.81
C LEU A 104 -2.47 -1.47 3.37
N CYS A 105 -1.34 -1.92 2.83
CA CYS A 105 -1.33 -2.39 1.46
C CYS A 105 -0.35 -3.50 1.15
N THR A 106 -0.76 -4.37 0.23
CA THR A 106 0.08 -5.48 -0.18
C THR A 106 -0.36 -6.05 -1.51
N ASN A 107 0.60 -6.55 -2.29
CA ASN A 107 0.27 -7.18 -3.54
C ASN A 107 -0.39 -8.50 -3.15
N LEU A 108 -1.29 -8.96 -3.98
CA LEU A 108 -1.97 -10.23 -3.75
C LEU A 108 -1.98 -10.95 -5.07
N LEU A 109 -2.12 -12.28 -5.04
CA LEU A 109 -2.20 -13.07 -6.26
C LEU A 109 -3.64 -13.26 -6.66
N PHE A 110 -4.05 -12.60 -7.75
CA PHE A 110 -5.40 -12.72 -8.25
C PHE A 110 -5.46 -13.76 -9.36
N TYR A 111 -6.47 -14.61 -9.28
CA TYR A 111 -6.65 -15.62 -10.30
C TYR A 111 -8.15 -15.77 -10.55
N ARG A 112 -8.51 -16.46 -11.61
CA ARG A 112 -9.91 -16.62 -11.93
C ARG A 112 -10.55 -17.81 -11.22
N LYS A 113 -11.82 -17.61 -10.86
CA LYS A 113 -12.65 -18.57 -10.15
C LYS A 113 -12.38 -20.05 -10.39
N GLY A 114 -12.53 -20.50 -11.64
CA GLY A 114 -12.32 -21.91 -11.94
C GLY A 114 -10.90 -22.37 -12.15
N ASP A 115 -9.94 -21.48 -11.92
CA ASP A 115 -8.53 -21.81 -12.09
C ASP A 115 -7.96 -22.32 -10.78
N LEU A 116 -8.34 -23.54 -10.40
CA LEU A 116 -7.89 -24.15 -9.15
C LEU A 116 -6.37 -24.27 -9.04
N LYS A 117 -5.71 -24.60 -10.14
CA LYS A 117 -4.24 -24.77 -10.13
C LYS A 117 -3.46 -23.55 -9.65
N ILE A 118 -3.92 -22.35 -9.99
CA ILE A 118 -3.27 -21.11 -9.57
C ILE A 118 -3.63 -20.85 -8.11
N GLY A 119 -4.72 -21.47 -7.67
CA GLY A 119 -5.19 -21.31 -6.29
C GLY A 119 -4.25 -21.96 -5.28
N GLN A 120 -3.47 -22.94 -5.74
CA GLN A 120 -2.53 -23.63 -4.86
C GLN A 120 -1.14 -23.01 -4.84
N VAL A 121 -0.94 -21.99 -5.67
CA VAL A 121 0.34 -21.28 -5.78
C VAL A 121 0.58 -20.40 -4.55
N ASP A 122 1.71 -20.61 -3.89
CA ASP A 122 2.05 -19.85 -2.68
C ASP A 122 3.20 -18.87 -2.87
N ASN A 123 4.04 -19.11 -3.88
CA ASN A 123 5.17 -18.22 -4.17
C ASN A 123 5.35 -18.01 -5.67
N ILE A 124 6.23 -17.09 -6.04
CA ILE A 124 6.46 -16.76 -7.45
C ILE A 124 7.08 -17.88 -8.30
N TYR A 125 7.88 -18.74 -7.67
CA TYR A 125 8.51 -19.86 -8.37
C TYR A 125 7.47 -20.93 -8.67
N GLU A 126 6.50 -21.09 -7.79
CA GLU A 126 5.42 -22.04 -8.01
C GLU A 126 4.51 -21.45 -9.08
N LEU A 127 4.43 -20.11 -9.12
CA LEU A 127 3.62 -19.40 -10.11
C LEU A 127 4.25 -19.62 -11.49
N TYR A 128 5.57 -19.54 -11.56
CA TYR A 128 6.30 -19.73 -12.81
C TYR A 128 6.09 -21.14 -13.40
N LYS A 129 6.05 -22.15 -12.54
CA LYS A 129 5.85 -23.52 -12.99
C LYS A 129 4.47 -23.71 -13.62
N LYS A 130 3.54 -22.80 -13.30
CA LYS A 130 2.18 -22.85 -13.80
C LYS A 130 1.94 -22.00 -15.03
N ILE A 131 2.39 -20.75 -15.01
CA ILE A 131 2.19 -19.87 -16.15
C ILE A 131 3.41 -19.73 -17.07
N GLY A 132 4.61 -19.99 -16.55
CA GLY A 132 5.80 -19.89 -17.37
C GLY A 132 6.19 -18.49 -17.83
N THR A 133 7.05 -18.42 -18.83
CA THR A 133 7.51 -17.16 -19.38
C THR A 133 6.52 -16.54 -20.34
N SER A 134 6.40 -15.22 -20.30
CA SER A 134 5.53 -14.54 -21.23
C SER A 134 6.16 -14.79 -22.60
N HIS A 135 5.34 -14.88 -23.63
CA HIS A 135 5.86 -15.10 -24.97
C HIS A 135 5.38 -13.99 -25.88
N SER A 136 5.04 -12.85 -25.28
CA SER A 136 4.56 -11.70 -26.05
C SER A 136 4.79 -10.42 -25.29
N GLU A 137 5.15 -9.37 -26.02
CA GLU A 137 5.40 -8.07 -25.41
C GLU A 137 4.21 -7.14 -25.54
N GLN A 138 3.14 -7.63 -26.14
CA GLN A 138 1.94 -6.84 -26.36
C GLN A 138 1.30 -6.38 -25.05
N ILE A 139 0.69 -5.20 -25.10
CA ILE A 139 0.03 -4.62 -23.93
C ILE A 139 -1.47 -4.48 -24.23
N PRO A 140 -2.32 -5.21 -23.51
CA PRO A 140 -2.03 -6.14 -22.42
C PRO A 140 -1.72 -7.56 -22.92
N PRO A 141 -1.35 -8.47 -22.02
CA PRO A 141 -1.05 -9.86 -22.37
C PRO A 141 -2.26 -10.51 -23.05
N PRO A 142 -2.02 -11.61 -23.78
CA PRO A 142 -3.16 -12.25 -24.44
C PRO A 142 -4.12 -12.79 -23.39
N GLN A 143 -5.34 -13.03 -23.82
CA GLN A 143 -6.37 -13.58 -22.96
C GLN A 143 -5.89 -14.83 -22.23
N ASN A 144 -6.09 -14.87 -20.92
CA ASN A 144 -5.70 -16.01 -20.08
C ASN A 144 -4.24 -16.50 -20.23
N LYS A 145 -3.33 -15.58 -20.55
CA LYS A 145 -1.93 -15.93 -20.72
C LYS A 145 -0.98 -14.99 -20.00
N GLY A 146 -0.14 -15.55 -19.14
CA GLY A 146 0.82 -14.75 -18.43
C GLY A 146 0.41 -14.05 -17.16
N LEU A 147 1.37 -13.28 -16.65
CA LEU A 147 1.21 -12.50 -15.45
C LEU A 147 1.01 -11.02 -15.71
N LEU A 148 0.06 -10.43 -14.99
CA LEU A 148 -0.18 -9.00 -15.09
C LEU A 148 0.37 -8.44 -13.78
N ILE A 149 1.34 -7.53 -13.89
CA ILE A 149 1.91 -6.92 -12.70
C ILE A 149 2.55 -5.58 -13.03
N ASN A 150 2.30 -4.61 -12.16
CA ASN A 150 2.85 -3.29 -12.31
C ASN A 150 4.23 -3.23 -11.67
N MET A 151 5.25 -3.08 -12.51
CA MET A 151 6.62 -2.99 -12.04
C MET A 151 7.26 -1.76 -12.65
N ALA A 152 6.42 -0.84 -13.12
CA ALA A 152 6.85 0.42 -13.73
C ALA A 152 7.23 1.39 -12.61
N GLY A 153 8.17 2.29 -12.87
CA GLY A 153 8.56 3.24 -11.83
C GLY A 153 9.72 2.69 -11.02
N GLY A 154 10.74 3.54 -10.82
CA GLY A 154 11.94 3.15 -10.09
C GLY A 154 11.74 2.86 -8.62
N THR A 155 10.89 3.64 -7.95
CA THR A 155 10.65 3.45 -6.53
C THR A 155 9.88 2.16 -6.27
N THR A 156 8.99 1.79 -7.19
CA THR A 156 8.22 0.55 -7.05
C THR A 156 9.19 -0.63 -7.08
N LYS A 157 10.05 -0.64 -8.10
CA LYS A 157 11.06 -1.69 -8.25
C LYS A 157 11.98 -1.71 -7.03
N ALA A 158 12.45 -0.53 -6.60
CA ALA A 158 13.33 -0.41 -5.44
C ALA A 158 12.63 -0.96 -4.20
N SER A 159 11.34 -0.68 -4.09
CA SER A 159 10.53 -1.17 -2.98
C SER A 159 10.37 -2.68 -3.02
N MET A 160 10.12 -3.22 -4.20
CA MET A 160 9.96 -4.66 -4.34
C MET A 160 11.28 -5.35 -3.98
N TYR A 161 12.38 -4.73 -4.40
CA TYR A 161 13.72 -5.23 -4.11
C TYR A 161 13.95 -5.37 -2.59
N LEU A 162 13.68 -4.29 -1.87
CA LEU A 162 13.86 -4.23 -0.42
C LEU A 162 12.95 -5.16 0.35
N GLU A 163 11.73 -5.35 -0.15
CA GLU A 163 10.79 -6.25 0.50
C GLU A 163 11.27 -7.68 0.29
N ALA A 164 11.63 -7.99 -0.95
CA ALA A 164 12.13 -9.32 -1.31
C ALA A 164 13.36 -9.65 -0.48
N LEU A 165 14.25 -8.67 -0.29
CA LEU A 165 15.47 -8.88 0.46
C LEU A 165 15.18 -9.33 1.89
N ILE A 166 14.11 -8.81 2.47
CA ILE A 166 13.74 -9.18 3.83
C ILE A 166 13.37 -10.67 3.87
N ASP A 167 12.55 -11.11 2.93
CA ASP A 167 12.12 -12.50 2.88
C ASP A 167 13.29 -13.42 2.58
N VAL A 168 14.26 -12.91 1.83
CA VAL A 168 15.45 -13.66 1.45
C VAL A 168 16.35 -13.88 2.66
N THR A 169 16.51 -12.85 3.48
CA THR A 169 17.35 -12.93 4.68
C THR A 169 16.60 -13.60 5.83
N GLY A 170 15.28 -13.60 5.74
CA GLY A 170 14.46 -14.20 6.79
C GLY A 170 14.35 -13.35 8.05
N GLN A 171 14.94 -12.16 8.01
CA GLN A 171 14.88 -11.29 9.17
C GLN A 171 14.25 -9.94 8.85
N TYR A 172 13.23 -9.56 9.63
CA TYR A 172 12.59 -8.27 9.42
C TYR A 172 13.56 -7.19 9.82
N THR A 173 13.53 -6.09 9.10
CA THR A 173 14.36 -4.93 9.39
C THR A 173 13.63 -3.68 8.94
N GLU A 174 13.82 -2.58 9.66
CA GLU A 174 13.20 -1.32 9.28
C GLU A 174 14.17 -0.55 8.38
N TYR A 175 15.27 -1.21 8.03
CA TYR A 175 16.30 -0.65 7.18
C TYR A 175 16.83 0.70 7.63
N ASP A 176 17.08 0.86 8.94
CA ASP A 176 17.63 2.11 9.48
C ASP A 176 18.86 2.37 8.65
N LEU A 177 19.55 1.28 8.35
CA LEU A 177 20.72 1.30 7.50
C LEU A 177 20.22 0.60 6.24
N LEU A 178 20.22 1.31 5.12
CA LEU A 178 19.80 0.71 3.86
C LEU A 178 20.93 -0.12 3.26
N PRO A 179 20.61 -1.23 2.56
CA PRO A 179 21.61 -2.11 1.96
C PRO A 179 22.43 -1.55 0.80
N PRO A 180 23.61 -2.12 0.58
CA PRO A 180 24.47 -1.67 -0.51
C PRO A 180 23.82 -1.97 -1.85
N LEU A 181 24.05 -1.10 -2.83
CA LEU A 181 23.50 -1.29 -4.16
C LEU A 181 24.53 -2.03 -5.02
N ASP A 182 25.60 -2.48 -4.34
CA ASP A 182 26.71 -3.20 -4.97
C ASP A 182 27.47 -3.88 -3.84
N PRO A 183 27.44 -5.22 -3.80
CA PRO A 183 26.74 -6.10 -4.73
C PRO A 183 25.24 -6.22 -4.47
N LEU A 184 24.46 -6.33 -5.53
CA LEU A 184 23.02 -6.48 -5.37
C LEU A 184 22.77 -7.92 -4.96
N ASN A 185 21.65 -8.17 -4.27
CA ASN A 185 21.36 -9.54 -3.87
C ASN A 185 20.87 -10.27 -5.12
N ASP A 186 21.58 -11.35 -5.48
CA ASP A 186 21.25 -12.13 -6.67
C ASP A 186 19.92 -12.87 -6.60
N LYS A 187 19.59 -13.43 -5.44
CA LYS A 187 18.33 -14.14 -5.27
C LYS A 187 17.17 -13.17 -5.48
N VAL A 188 17.28 -11.98 -4.90
CA VAL A 188 16.24 -10.95 -5.01
C VAL A 188 16.09 -10.56 -6.47
N ILE A 189 17.22 -10.30 -7.12
CA ILE A 189 17.22 -9.92 -8.53
C ILE A 189 16.60 -11.04 -9.37
N ARG A 190 16.96 -12.29 -9.08
CA ARG A 190 16.40 -13.42 -9.82
C ARG A 190 14.89 -13.49 -9.63
N GLY A 191 14.46 -13.11 -8.43
CA GLY A 191 13.05 -13.08 -8.13
C GLY A 191 12.35 -12.02 -8.96
N LEU A 192 12.91 -10.81 -9.00
CA LEU A 192 12.30 -9.71 -9.75
C LEU A 192 12.31 -9.99 -11.26
N ARG A 193 13.38 -10.63 -11.74
CA ARG A 193 13.49 -10.98 -13.16
C ARG A 193 12.46 -12.02 -13.50
N LEU A 194 12.27 -12.98 -12.60
CA LEU A 194 11.30 -14.04 -12.83
C LEU A 194 9.91 -13.43 -13.07
N LEU A 195 9.59 -12.40 -12.29
CA LEU A 195 8.32 -11.70 -12.39
C LEU A 195 8.21 -11.00 -13.74
N ILE A 196 9.28 -10.33 -14.13
CA ILE A 196 9.33 -9.61 -15.41
C ILE A 196 9.22 -10.65 -16.54
N ASN A 197 9.88 -11.78 -16.35
CA ASN A 197 9.86 -12.85 -17.32
C ASN A 197 8.42 -13.37 -17.52
N MET A 198 7.66 -13.46 -16.44
CA MET A 198 6.29 -13.94 -16.49
C MET A 198 5.30 -12.93 -17.08
N ALA A 199 5.54 -11.65 -16.78
CA ALA A 199 4.68 -10.55 -17.22
C ALA A 199 5.02 -9.97 -18.59
N GLY A 200 6.29 -10.00 -18.93
CA GLY A 200 6.74 -9.41 -20.18
C GLY A 200 7.37 -8.09 -19.79
N GLU A 201 8.44 -7.70 -20.48
CA GLU A 201 9.15 -6.47 -20.15
C GLU A 201 8.29 -5.22 -20.30
N LYS A 202 7.78 -4.99 -21.51
CA LYS A 202 6.96 -3.82 -21.78
C LYS A 202 5.67 -3.83 -20.97
N PRO A 203 4.96 -4.97 -20.92
CA PRO A 203 3.73 -4.98 -20.13
C PRO A 203 4.00 -4.64 -18.66
N SER A 204 5.07 -5.18 -18.09
CA SER A 204 5.40 -4.90 -16.69
C SER A 204 5.86 -3.47 -16.47
N GLN A 205 6.41 -2.85 -17.51
CA GLN A 205 6.91 -1.48 -17.41
C GLN A 205 5.95 -0.40 -17.91
N TYR A 206 4.81 -0.83 -18.42
CA TYR A 206 3.82 0.06 -18.96
C TYR A 206 3.24 1.06 -17.96
N VAL A 207 3.14 2.31 -18.41
CA VAL A 207 2.59 3.41 -17.63
C VAL A 207 1.58 4.03 -18.59
N PRO A 208 0.28 3.95 -18.26
CA PRO A 208 -0.75 4.53 -19.12
C PRO A 208 -0.66 6.05 -19.21
N GLU A 209 -0.99 6.58 -20.39
CA GLU A 209 -0.98 8.02 -20.64
C GLU A 209 -1.88 8.83 -19.70
N ASP A 210 -2.89 8.16 -19.14
CA ASP A 210 -3.82 8.82 -18.22
C ASP A 210 -3.45 8.66 -16.75
N GLY A 211 -2.30 8.03 -16.48
CA GLY A 211 -1.85 7.83 -15.12
C GLY A 211 -2.72 6.94 -14.24
N ASP A 212 -3.53 6.10 -14.87
CA ASP A 212 -4.40 5.18 -14.14
C ASP A 212 -3.54 4.08 -13.51
N ALA A 213 -3.46 4.09 -12.19
CA ALA A 213 -2.66 3.13 -11.45
C ALA A 213 -3.32 1.75 -11.35
N TYR A 214 -4.57 1.66 -11.79
CA TYR A 214 -5.32 0.41 -11.69
C TYR A 214 -5.74 -0.26 -13.03
N VAL A 215 -5.16 0.20 -14.13
CA VAL A 215 -5.47 -0.32 -15.47
C VAL A 215 -5.28 -1.84 -15.66
N ARG A 216 -4.29 -2.41 -14.98
CA ARG A 216 -4.06 -3.85 -15.11
C ARG A 216 -5.20 -4.69 -14.51
N ALA A 217 -5.87 -4.15 -13.51
CA ALA A 217 -7.00 -4.84 -12.89
C ALA A 217 -8.17 -4.89 -13.88
N SER A 218 -8.34 -3.82 -14.65
CA SER A 218 -9.42 -3.77 -15.64
C SER A 218 -9.12 -4.74 -16.77
N TRP A 219 -7.84 -4.80 -17.15
CA TRP A 219 -7.40 -5.72 -18.20
C TRP A 219 -7.73 -7.13 -17.75
N PHE A 220 -7.35 -7.43 -16.51
CA PHE A 220 -7.59 -8.75 -15.93
C PHE A 220 -9.08 -9.11 -15.97
N ALA A 221 -9.93 -8.16 -15.59
CA ALA A 221 -11.38 -8.35 -15.57
C ALA A 221 -11.92 -8.59 -16.98
N GLN A 222 -11.28 -7.96 -17.95
CA GLN A 222 -11.65 -8.11 -19.36
C GLN A 222 -11.22 -9.47 -19.91
N GLY A 223 -10.33 -10.17 -19.20
CA GLY A 223 -9.88 -11.49 -19.63
C GLY A 223 -8.40 -11.63 -19.96
N SER A 224 -7.70 -10.50 -19.93
CA SER A 224 -6.27 -10.47 -20.22
C SER A 224 -5.48 -11.11 -19.09
N GLY A 225 -4.47 -11.90 -19.47
CA GLY A 225 -3.62 -12.58 -18.49
C GLY A 225 -4.24 -13.78 -17.80
N ARG A 226 -3.41 -14.59 -17.14
CA ARG A 226 -3.93 -15.73 -16.40
C ARG A 226 -3.88 -15.45 -14.91
N ALA A 227 -2.87 -14.70 -14.50
CA ALA A 227 -2.68 -14.34 -13.10
C ALA A 227 -2.42 -12.85 -13.05
N PHE A 228 -2.78 -12.23 -11.94
CA PHE A 228 -2.57 -10.79 -11.74
C PHE A 228 -2.10 -10.55 -10.31
N ILE A 229 -0.95 -9.89 -10.19
CA ILE A 229 -0.42 -9.55 -8.88
C ILE A 229 -0.60 -8.05 -8.76
N GLY A 230 -1.46 -7.65 -7.84
CA GLY A 230 -1.74 -6.24 -7.65
C GLY A 230 -2.24 -6.04 -6.24
N TYR A 231 -2.43 -4.79 -5.87
CA TYR A 231 -2.93 -4.43 -4.55
C TYR A 231 -4.38 -4.82 -4.41
N SER A 232 -4.83 -5.00 -3.17
CA SER A 232 -6.22 -5.37 -2.93
C SER A 232 -7.18 -4.35 -3.54
N GLU A 233 -6.78 -3.08 -3.53
CA GLU A 233 -7.60 -1.98 -4.08
C GLU A 233 -7.94 -2.20 -5.53
N SER A 234 -7.12 -3.01 -6.21
CA SER A 234 -7.32 -3.34 -7.63
C SER A 234 -8.74 -3.81 -7.87
N MET A 235 -9.35 -4.40 -6.85
CA MET A 235 -10.71 -4.93 -6.96
C MET A 235 -11.79 -3.90 -7.23
N MET A 236 -11.57 -2.63 -6.88
CA MET A 236 -12.58 -1.60 -7.15
C MET A 236 -12.67 -1.42 -8.67
N ARG A 237 -11.52 -1.38 -9.33
CA ARG A 237 -11.46 -1.22 -10.78
C ARG A 237 -12.09 -2.43 -11.47
N MET A 238 -12.10 -3.57 -10.78
CA MET A 238 -12.70 -4.78 -11.32
C MET A 238 -14.22 -4.68 -11.35
N GLY A 239 -14.76 -3.79 -10.52
CA GLY A 239 -16.19 -3.58 -10.45
C GLY A 239 -16.98 -4.81 -10.08
N ASP A 240 -17.91 -5.19 -10.95
CA ASP A 240 -18.75 -6.37 -10.78
C ASP A 240 -17.91 -7.63 -10.82
N TYR A 241 -16.73 -7.52 -11.42
CA TYR A 241 -15.85 -8.65 -11.54
C TYR A 241 -15.10 -9.01 -10.26
N ALA A 242 -15.00 -8.08 -9.32
CA ALA A 242 -14.31 -8.31 -8.05
C ALA A 242 -14.84 -9.55 -7.30
N GLU A 243 -16.10 -9.85 -7.52
CA GLU A 243 -16.73 -10.99 -6.88
C GLU A 243 -16.37 -12.29 -7.59
N GLN A 244 -15.99 -12.18 -8.86
CA GLN A 244 -15.62 -13.34 -9.65
C GLN A 244 -14.15 -13.73 -9.52
N VAL A 245 -13.31 -12.83 -9.00
CA VAL A 245 -11.90 -13.18 -8.82
C VAL A 245 -11.67 -13.83 -7.48
N ARG A 246 -10.56 -14.55 -7.41
CA ARG A 246 -10.13 -15.18 -6.18
C ARG A 246 -8.76 -14.58 -6.00
N PHE A 247 -8.33 -14.42 -4.76
CA PHE A 247 -7.02 -13.87 -4.49
C PHE A 247 -6.45 -14.55 -3.26
N LYS A 248 -5.16 -14.33 -3.04
CA LYS A 248 -4.47 -14.93 -1.90
C LYS A 248 -3.10 -14.30 -1.86
N PRO A 249 -2.47 -14.26 -0.68
CA PRO A 249 -1.14 -13.69 -0.59
C PRO A 249 -0.19 -14.56 -1.41
N ILE A 250 0.92 -13.96 -1.83
CA ILE A 250 1.91 -14.68 -2.61
C ILE A 250 3.28 -14.20 -2.14
N SER A 251 4.16 -15.16 -1.88
CA SER A 251 5.50 -14.86 -1.40
C SER A 251 6.49 -14.80 -2.57
N SER A 252 7.55 -14.01 -2.40
CA SER A 252 8.57 -13.89 -3.45
C SER A 252 9.66 -14.96 -3.25
N SER A 253 9.56 -15.69 -2.15
CA SER A 253 10.49 -16.76 -1.83
C SER A 253 9.74 -18.01 -1.35
N ALA A 254 10.34 -19.17 -1.54
CA ALA A 254 9.72 -20.42 -1.14
C ALA A 254 10.03 -20.82 0.31
N GLY A 255 11.16 -20.37 0.84
CA GLY A 255 11.57 -20.75 2.18
C GLY A 255 11.10 -19.99 3.40
N GLN A 256 11.25 -18.67 3.37
CA GLN A 256 10.87 -17.84 4.52
C GLN A 256 9.90 -16.77 4.07
N ASP A 257 8.86 -16.53 4.86
CA ASP A 257 7.92 -15.48 4.49
C ASP A 257 7.48 -14.60 5.63
N ILE A 258 7.81 -13.32 5.49
CA ILE A 258 7.47 -12.28 6.45
C ILE A 258 6.58 -11.37 5.61
N PRO A 259 5.26 -11.45 5.78
CA PRO A 259 4.32 -10.60 5.01
C PRO A 259 4.54 -9.12 5.35
N LEU A 260 4.95 -8.37 4.34
CA LEU A 260 5.21 -6.93 4.47
C LEU A 260 4.05 -6.13 3.89
N PHE A 261 3.67 -5.07 4.58
CA PHE A 261 2.58 -4.22 4.15
C PHE A 261 3.01 -2.77 4.16
N TYR A 262 2.63 -2.04 3.12
CA TYR A 262 2.90 -0.61 3.10
C TYR A 262 1.86 -0.08 4.08
N SER A 263 2.23 0.92 4.86
CA SER A 263 1.33 1.50 5.81
C SER A 263 1.32 3.01 5.63
N ASP A 264 0.14 3.54 5.34
CA ASP A 264 -0.03 4.97 5.16
C ASP A 264 -0.59 5.45 6.48
N VAL A 265 0.22 6.26 7.16
CA VAL A 265 -0.15 6.78 8.46
C VAL A 265 -0.44 8.26 8.45
N VAL A 266 -1.35 8.66 9.33
CA VAL A 266 -1.71 10.08 9.46
C VAL A 266 -0.78 10.66 10.51
N SER A 267 -0.01 11.68 10.10
CA SER A 267 0.93 12.34 11.00
C SER A 267 0.62 13.82 11.15
N VAL A 268 1.19 14.44 12.18
CA VAL A 268 0.98 15.85 12.47
C VAL A 268 2.29 16.60 12.35
N ASN A 269 2.24 17.77 11.72
CA ASN A 269 3.41 18.61 11.54
C ASN A 269 3.90 19.12 12.89
N SER A 270 5.21 19.03 13.13
CA SER A 270 5.75 19.51 14.41
C SER A 270 5.61 21.01 14.53
N LYS A 271 5.44 21.68 13.40
CA LYS A 271 5.30 23.13 13.37
C LYS A 271 3.86 23.60 13.44
N THR A 272 2.90 22.68 13.49
CA THR A 272 1.49 23.06 13.56
C THR A 272 1.21 24.03 14.69
N ALA A 273 0.39 25.04 14.41
CA ALA A 273 0.02 26.04 15.40
C ALA A 273 -1.10 25.50 16.28
N HIS A 274 -1.68 24.37 15.88
CA HIS A 274 -2.77 23.77 16.62
C HIS A 274 -2.54 22.27 16.88
N PRO A 275 -1.59 21.94 17.77
CA PRO A 275 -1.23 20.57 18.13
C PRO A 275 -2.36 19.63 18.55
N GLU A 276 -3.21 20.08 19.47
CA GLU A 276 -4.27 19.21 19.96
C GLU A 276 -5.39 19.01 18.96
N LEU A 277 -5.68 20.08 18.20
CA LEU A 277 -6.71 20.08 17.18
C LEU A 277 -6.20 19.21 16.04
N ALA A 278 -4.90 19.31 15.76
CA ALA A 278 -4.28 18.51 14.71
C ALA A 278 -4.31 17.03 15.07
N LYS A 279 -4.02 16.73 16.34
CA LYS A 279 -4.02 15.35 16.82
C LYS A 279 -5.45 14.81 16.74
N LYS A 280 -6.40 15.69 17.05
CA LYS A 280 -7.81 15.34 17.01
C LYS A 280 -8.21 14.99 15.58
N LEU A 281 -7.75 15.78 14.62
CA LEU A 281 -8.02 15.56 13.20
C LEU A 281 -7.35 14.27 12.71
N ALA A 282 -6.09 14.07 13.09
CA ALA A 282 -5.36 12.86 12.71
C ALA A 282 -6.16 11.63 13.15
N ASN A 283 -6.68 11.68 14.36
CA ASN A 283 -7.47 10.58 14.90
C ASN A 283 -8.76 10.35 14.12
N VAL A 284 -9.44 11.43 13.77
CA VAL A 284 -10.68 11.35 12.98
C VAL A 284 -10.33 10.72 11.63
N MET A 285 -9.28 11.21 10.98
CA MET A 285 -8.86 10.69 9.70
C MET A 285 -8.53 9.22 9.74
N ALA A 286 -8.10 8.74 10.90
CA ALA A 286 -7.74 7.33 11.07
C ALA A 286 -8.84 6.55 11.80
N SER A 287 -9.92 7.24 12.17
CA SER A 287 -11.00 6.57 12.91
C SER A 287 -11.66 5.52 12.06
N ALA A 288 -12.24 4.53 12.73
CA ALA A 288 -12.93 3.44 12.07
C ALA A 288 -14.12 3.97 11.26
N ASP A 289 -14.81 4.97 11.81
CA ASP A 289 -15.96 5.57 11.14
C ASP A 289 -15.56 6.22 9.80
N THR A 290 -14.51 7.04 9.84
CA THR A 290 -14.03 7.73 8.65
C THR A 290 -13.55 6.77 7.57
N VAL A 291 -12.68 5.83 7.95
CA VAL A 291 -12.15 4.87 6.99
C VAL A 291 -13.25 3.99 6.38
N GLU A 292 -14.22 3.59 7.19
CA GLU A 292 -15.32 2.79 6.67
C GLU A 292 -16.11 3.59 5.63
N GLN A 293 -16.32 4.87 5.91
CA GLN A 293 -17.07 5.76 5.02
C GLN A 293 -16.33 6.02 3.72
N ALA A 294 -15.01 6.12 3.82
CA ALA A 294 -14.13 6.36 2.67
C ALA A 294 -14.05 5.16 1.73
N LEU A 295 -14.06 3.96 2.30
CA LEU A 295 -13.99 2.73 1.54
C LEU A 295 -15.33 2.33 0.92
N ARG A 296 -16.42 2.65 1.62
CA ARG A 296 -17.76 2.35 1.14
C ARG A 296 -18.14 3.21 -0.05
N PRO A 297 -18.93 2.65 -0.99
CA PRO A 297 -19.38 3.40 -2.17
C PRO A 297 -20.26 4.57 -1.71
N GLN A 298 -19.97 5.77 -2.18
CA GLN A 298 -20.71 6.97 -1.76
C GLN A 298 -21.72 7.54 -2.74
N ALA A 299 -21.91 6.86 -3.86
CA ALA A 299 -22.85 7.30 -4.88
C ALA A 299 -23.19 6.11 -5.74
N ASP A 300 -24.19 6.28 -6.62
CA ASP A 300 -24.61 5.20 -7.49
C ASP A 300 -23.55 4.78 -8.50
N GLY A 301 -23.38 3.47 -8.65
CA GLY A 301 -22.40 2.95 -9.58
C GLY A 301 -21.04 2.69 -8.96
N GLN A 302 -20.80 3.21 -7.76
CA GLN A 302 -19.53 3.04 -7.07
C GLN A 302 -19.38 1.71 -6.35
N TYR A 303 -18.15 1.22 -6.32
CA TYR A 303 -17.83 -0.02 -5.65
C TYR A 303 -16.94 0.33 -4.47
N PRO A 304 -16.73 -0.62 -3.53
CA PRO A 304 -15.87 -0.40 -2.36
C PRO A 304 -14.46 -0.14 -2.88
N GLN A 305 -13.68 0.67 -2.17
CA GLN A 305 -12.32 0.94 -2.65
C GLN A 305 -11.43 -0.28 -2.52
N TYR A 306 -11.84 -1.21 -1.66
CA TYR A 306 -11.11 -2.44 -1.41
C TYR A 306 -9.70 -2.27 -0.88
N LEU A 307 -9.49 -1.13 -0.22
CA LEU A 307 -8.25 -0.77 0.44
C LEU A 307 -8.30 -1.51 1.76
N LEU A 308 -7.13 -1.77 2.34
CA LEU A 308 -7.04 -2.49 3.61
C LEU A 308 -7.00 -1.52 4.80
N PRO A 309 -8.03 -1.56 5.66
CA PRO A 309 -8.09 -0.70 6.84
C PRO A 309 -7.06 -1.19 7.87
N ALA A 310 -6.68 -0.34 8.81
CA ALA A 310 -5.71 -0.73 9.84
C ALA A 310 -6.42 -1.05 11.17
N ARG A 311 -7.73 -0.87 11.21
CA ARG A 311 -8.54 -1.13 12.40
C ARG A 311 -9.45 -2.34 12.20
N HIS A 312 -9.61 -3.16 13.23
CA HIS A 312 -10.48 -4.34 13.15
C HIS A 312 -11.93 -3.95 12.87
N GLN A 313 -12.38 -2.92 13.58
CA GLN A 313 -13.75 -2.42 13.47
C GLN A 313 -14.24 -2.22 12.03
N VAL A 314 -13.37 -1.75 11.15
CA VAL A 314 -13.74 -1.52 9.75
C VAL A 314 -14.00 -2.84 9.02
N TYR A 315 -13.17 -3.84 9.29
CA TYR A 315 -13.34 -5.15 8.67
C TYR A 315 -14.63 -5.77 9.19
N GLU A 316 -14.86 -5.58 10.48
CA GLU A 316 -16.06 -6.10 11.12
C GLU A 316 -17.29 -5.49 10.46
N ALA A 317 -17.28 -4.17 10.30
CA ALA A 317 -18.39 -3.43 9.70
C ALA A 317 -18.58 -3.62 8.19
N LEU A 318 -17.49 -3.79 7.45
CA LEU A 318 -17.59 -3.95 6.00
C LEU A 318 -17.98 -5.32 5.49
N MET A 319 -17.47 -6.37 6.12
CA MET A 319 -17.72 -7.74 5.66
C MET A 319 -19.16 -8.22 5.55
N GLN A 320 -20.08 -7.56 6.25
CA GLN A 320 -21.50 -7.92 6.20
C GLN A 320 -21.97 -7.71 4.77
N ASP A 321 -21.78 -6.48 4.28
CA ASP A 321 -22.19 -6.09 2.93
C ASP A 321 -21.19 -6.52 1.86
N TYR A 322 -19.91 -6.56 2.21
CA TYR A 322 -18.86 -6.92 1.26
C TYR A 322 -18.00 -8.09 1.80
N PRO A 323 -18.45 -9.34 1.56
CA PRO A 323 -17.76 -10.56 2.01
C PRO A 323 -16.28 -10.66 1.62
N ILE A 324 -15.86 -9.89 0.62
CA ILE A 324 -14.46 -9.88 0.21
C ILE A 324 -13.61 -9.42 1.42
N TYR A 325 -14.14 -8.47 2.19
CA TYR A 325 -13.44 -7.95 3.35
C TYR A 325 -13.21 -8.98 4.47
N SER A 326 -13.86 -10.12 4.36
CA SER A 326 -13.70 -11.20 5.34
C SER A 326 -12.35 -11.85 5.01
N GLU A 327 -12.13 -12.11 3.73
CA GLU A 327 -10.88 -12.69 3.26
C GLU A 327 -9.70 -11.74 3.48
N LEU A 328 -9.94 -10.44 3.23
CA LEU A 328 -8.92 -9.42 3.42
C LEU A 328 -8.55 -9.29 4.91
N ALA A 329 -9.56 -9.39 5.76
CA ALA A 329 -9.35 -9.29 7.20
C ALA A 329 -8.39 -10.41 7.63
N GLN A 330 -8.66 -11.62 7.13
CA GLN A 330 -7.86 -12.79 7.42
C GLN A 330 -6.36 -12.55 7.12
N ILE A 331 -6.09 -12.02 5.92
CA ILE A 331 -4.74 -11.73 5.45
C ILE A 331 -4.03 -10.70 6.33
N VAL A 332 -4.76 -9.64 6.68
CA VAL A 332 -4.22 -8.57 7.50
C VAL A 332 -4.03 -8.96 8.97
N ASN A 333 -4.73 -10.00 9.41
CA ASN A 333 -4.62 -10.46 10.78
C ASN A 333 -3.56 -11.52 11.05
N LYS A 334 -2.77 -11.84 10.04
CA LYS A 334 -1.69 -12.82 10.15
C LYS A 334 -0.68 -12.25 11.18
N PRO A 335 -0.39 -12.99 12.27
CA PRO A 335 0.53 -12.54 13.31
C PRO A 335 1.95 -12.18 12.87
N SER A 336 2.40 -12.77 11.77
CA SER A 336 3.73 -12.49 11.25
C SER A 336 3.82 -11.21 10.37
N ASN A 337 2.68 -10.58 10.09
CA ASN A 337 2.65 -9.36 9.27
C ASN A 337 3.52 -8.28 9.86
N ARG A 338 4.13 -7.49 8.96
CA ARG A 338 5.01 -6.40 9.35
C ARG A 338 4.82 -5.22 8.41
N VAL A 339 5.07 -4.03 8.94
CA VAL A 339 4.98 -2.80 8.16
C VAL A 339 6.30 -2.62 7.41
N PHE A 340 6.20 -2.23 6.14
CA PHE A 340 7.37 -1.98 5.31
C PHE A 340 7.92 -0.58 5.62
N ARG A 341 9.08 -0.56 6.27
CA ARG A 341 9.76 0.65 6.68
C ARG A 341 11.15 0.77 6.06
N LEU A 342 11.54 2.00 5.72
CA LEU A 342 12.84 2.24 5.14
C LEU A 342 13.53 3.32 5.95
N GLY A 343 14.86 3.24 6.01
CA GLY A 343 15.63 4.20 6.77
C GLY A 343 15.50 5.65 6.36
N PRO A 344 16.06 6.56 7.16
CA PRO A 344 16.09 8.02 7.00
C PRO A 344 16.67 8.49 5.67
N GLU A 345 17.61 7.72 5.13
CA GLU A 345 18.28 8.09 3.89
C GLU A 345 17.58 7.53 2.66
N VAL A 346 16.32 7.15 2.82
CA VAL A 346 15.53 6.56 1.75
C VAL A 346 15.58 7.33 0.42
N ARG A 347 15.38 8.64 0.46
CA ARG A 347 15.39 9.43 -0.78
C ARG A 347 16.69 9.31 -1.58
N THR A 348 17.83 9.36 -0.90
CA THR A 348 19.11 9.24 -1.58
C THR A 348 19.28 7.82 -2.12
N TRP A 349 18.98 6.84 -1.29
CA TRP A 349 19.09 5.43 -1.67
C TRP A 349 18.20 5.12 -2.88
N LEU A 350 17.06 5.79 -2.96
CA LEU A 350 16.13 5.58 -4.06
C LEU A 350 16.71 6.14 -5.36
N LYS A 351 17.36 7.30 -5.28
CA LYS A 351 17.98 7.90 -6.46
C LYS A 351 19.12 7.01 -6.94
N ASP A 352 19.92 6.52 -6.00
CA ASP A 352 21.04 5.63 -6.28
C ASP A 352 20.59 4.32 -6.89
N ALA A 353 19.45 3.81 -6.40
CA ALA A 353 18.90 2.55 -6.86
C ALA A 353 18.48 2.57 -8.33
N LYS A 354 17.83 3.64 -8.77
CA LYS A 354 17.39 3.69 -10.18
C LYS A 354 18.54 3.77 -11.20
N GLN A 355 19.75 3.96 -10.71
CA GLN A 355 20.92 4.01 -11.57
C GLN A 355 21.56 2.63 -11.67
N VAL A 356 21.01 1.66 -10.95
CA VAL A 356 21.59 0.33 -10.96
C VAL A 356 20.58 -0.83 -11.11
N LEU A 357 19.37 -0.66 -10.57
CA LEU A 357 18.34 -1.69 -10.64
C LEU A 357 17.82 -2.00 -12.05
N PRO A 358 17.49 -0.98 -12.85
CA PRO A 358 16.98 -1.23 -14.20
C PRO A 358 17.97 -2.04 -15.06
N GLU A 359 19.27 -1.83 -14.85
CA GLU A 359 20.30 -2.58 -15.59
C GLU A 359 20.30 -4.04 -15.13
N ALA A 360 20.33 -4.21 -13.80
CA ALA A 360 20.34 -5.53 -13.16
C ALA A 360 19.11 -6.36 -13.56
N LEU A 361 18.00 -5.67 -13.82
CA LEU A 361 16.76 -6.35 -14.21
C LEU A 361 16.60 -6.56 -15.72
N GLY A 362 17.33 -5.81 -16.54
CA GLY A 362 17.25 -5.96 -17.99
C GLY A 362 16.36 -5.00 -18.76
S SO4 B . -4.93 23.99 19.61
O1 SO4 B . -5.54 24.61 18.53
O3 SO4 B . -4.60 22.62 19.03
#